data_8RG2
#
_entry.id   8RG2
#
_cell.length_a   54.131
_cell.length_b   54.633
_cell.length_c   80.140
_cell.angle_alpha   90.00
_cell.angle_beta   90.00
_cell.angle_gamma   90.00
#
_symmetry.space_group_name_H-M   'P 21 21 21'
#
loop_
_entity.id
_entity.type
_entity.pdbx_description
1 polymer Beta-lactamase
2 non-polymer GLYCEROL
3 water water
#
_entity_poly.entity_id   1
_entity_poly.type   'polypeptide(L)'
_entity_poly.pdbx_seq_one_letter_code
;DLADRFAELERRYDARLGVYVPATGTTAAIEYRADERFAFCSTFKAPLVAAVLHQNPLTHLDKLITYTSDDIRSISPVAQ
QHVQTGMTIGQLCDAAIRYSDGTAANLLLADLGGPGGGTAAFTGYLRSLGDTVSRLDAEEPELNRDPPGDERDTTTPHAI
ALVLQQLVLGNALPPDKRALLTDWMARNTTGAKRIRAGFPADWKVIDKTGTGDYGRANDIAVVWSPTGVPYVVAVMSDRA
GGGYDAEPREALLAEAATCVAGVLA
;
_entity_poly.pdbx_strand_id   A
#
loop_
_chem_comp.id
_chem_comp.type
_chem_comp.name
_chem_comp.formula
GOL non-polymer GLYCEROL 'C3 H8 O3'
#
# COMPACT_ATOMS: atom_id res chain seq x y z
N ASP A 1 -17.55 -4.42 20.90
CA ASP A 1 -16.98 -3.28 21.65
C ASP A 1 -15.90 -2.64 20.78
N LEU A 2 -15.19 -3.46 20.01
CA LEU A 2 -14.04 -2.95 19.22
C LEU A 2 -14.54 -1.92 18.20
N ALA A 3 -15.71 -2.16 17.61
CA ALA A 3 -16.26 -1.20 16.67
C ALA A 3 -16.46 0.14 17.37
N ASP A 4 -16.99 0.12 18.61
CA ASP A 4 -17.16 1.36 19.34
C ASP A 4 -15.82 2.01 19.63
N ARG A 5 -14.78 1.21 19.85
CA ARG A 5 -13.49 1.78 20.14
C ARG A 5 -12.90 2.43 18.88
N PHE A 6 -13.10 1.79 17.71
CA PHE A 6 -12.67 2.40 16.46
C PHE A 6 -13.45 3.70 16.23
N ALA A 7 -14.74 3.72 16.58
CA ALA A 7 -15.54 4.94 16.42
C ALA A 7 -15.01 6.04 17.34
N GLU A 8 -14.58 5.66 18.53
CA GLU A 8 -14.00 6.62 19.44
C GLU A 8 -12.70 7.18 18.87
N LEU A 9 -11.87 6.35 18.25
CA LEU A 9 -10.68 6.85 17.58
C LEU A 9 -11.02 7.88 16.51
N GLU A 10 -12.05 7.61 15.71
CA GLU A 10 -12.49 8.55 14.69
C GLU A 10 -12.90 9.91 15.27
N ARG A 11 -13.57 9.83 16.41
CA ARG A 11 -14.05 11.05 17.06
C ARG A 11 -12.80 11.85 17.47
N ARG A 12 -11.84 11.15 18.08
CA ARG A 12 -10.71 11.80 18.72
C ARG A 12 -9.82 12.46 17.68
N TYR A 13 -9.65 11.82 16.52
CA TYR A 13 -8.75 12.33 15.48
C TYR A 13 -9.49 13.16 14.43
N ASP A 14 -10.82 13.26 14.53
CA ASP A 14 -11.63 13.89 13.52
C ASP A 14 -11.32 13.26 12.17
N ALA A 15 -11.53 11.95 12.08
CA ALA A 15 -11.11 11.20 10.94
C ALA A 15 -12.15 10.14 10.59
N ARG A 16 -11.98 9.56 9.40
CA ARG A 16 -12.65 8.33 9.02
C ARG A 16 -11.61 7.23 8.93
N LEU A 17 -11.89 6.10 9.57
CA LEU A 17 -10.96 5.02 9.73
C LEU A 17 -11.57 3.77 9.10
N GLY A 18 -10.73 3.01 8.39
CA GLY A 18 -11.10 1.75 7.77
C GLY A 18 -10.09 0.67 8.13
N VAL A 19 -10.59 -0.50 8.58
CA VAL A 19 -9.69 -1.53 9.06
C VAL A 19 -10.17 -2.85 8.47
N TYR A 20 -9.22 -3.69 8.10
CA TYR A 20 -9.57 -5.07 7.79
C TYR A 20 -8.37 -5.94 8.11
N VAL A 21 -8.62 -6.97 8.92
CA VAL A 21 -7.72 -8.07 9.19
C VAL A 21 -8.47 -9.33 8.80
N PRO A 22 -8.05 -10.01 7.71
CA PRO A 22 -8.73 -11.24 7.30
C PRO A 22 -8.76 -12.29 8.41
N ALA A 23 -9.85 -13.02 8.48
CA ALA A 23 -9.93 -14.22 9.30
C ALA A 23 -8.86 -15.24 8.92
N THR A 24 -8.44 -16.03 9.91
CA THR A 24 -7.45 -17.09 9.78
C THR A 24 -8.02 -18.37 10.37
N GLY A 25 -7.21 -19.44 10.32
CA GLY A 25 -7.59 -20.72 10.92
C GLY A 25 -7.95 -20.58 12.39
N THR A 26 -7.39 -19.57 13.07
CA THR A 26 -7.58 -19.46 14.51
C THR A 26 -8.11 -18.10 14.97
N THR A 27 -8.48 -17.19 14.05
CA THR A 27 -8.92 -15.86 14.44
C THR A 27 -10.07 -15.41 13.56
N ALA A 28 -10.97 -14.62 14.14
CA ALA A 28 -12.01 -13.97 13.37
C ALA A 28 -11.45 -12.73 12.64
N ALA A 29 -12.18 -12.30 11.61
CA ALA A 29 -11.89 -11.09 10.87
C ALA A 29 -12.03 -9.90 11.82
N ILE A 30 -11.26 -8.86 11.59
CA ILE A 30 -11.56 -7.56 12.19
C ILE A 30 -11.95 -6.65 11.05
N GLU A 31 -13.10 -6.00 11.16
CA GLU A 31 -13.59 -5.19 10.07
C GLU A 31 -14.26 -3.95 10.62
N TYR A 32 -13.83 -2.82 10.07
CA TYR A 32 -14.42 -1.56 10.40
C TYR A 32 -14.42 -0.71 9.14
N ARG A 33 -15.62 -0.31 8.68
CA ARG A 33 -15.80 0.37 7.41
C ARG A 33 -15.00 -0.32 6.29
N ALA A 34 -14.95 -1.66 6.34
CA ALA A 34 -14.05 -2.42 5.49
C ALA A 34 -14.52 -2.45 4.04
N ASP A 35 -15.81 -2.14 3.80
CA ASP A 35 -16.31 -2.09 2.44
C ASP A 35 -16.51 -0.66 1.96
N GLU A 36 -16.08 0.33 2.73
CA GLU A 36 -16.14 1.70 2.23
C GLU A 36 -14.91 1.98 1.38
N ARG A 37 -15.02 2.91 0.45
CA ARG A 37 -13.91 3.30 -0.40
C ARG A 37 -12.96 4.27 0.30
N PHE A 38 -11.66 4.03 0.12
CA PHE A 38 -10.60 4.94 0.54
C PHE A 38 -9.62 5.06 -0.62
N ALA A 39 -9.05 6.26 -0.82
CA ALA A 39 -7.98 6.42 -1.78
C ALA A 39 -6.83 5.46 -1.48
N PHE A 40 -6.28 4.80 -2.50
CA PHE A 40 -5.08 3.98 -2.34
C PHE A 40 -3.87 4.80 -1.82
N CYS A 41 -3.68 5.97 -2.44
CA CYS A 41 -2.42 6.69 -2.37
C CYS A 41 -1.30 5.70 -2.66
N SER A 42 -0.16 5.79 -1.98
CA SER A 42 0.98 4.97 -2.40
C SER A 42 0.84 3.50 -2.08
N THR A 43 -0.20 3.04 -1.37
CA THR A 43 -0.31 1.62 -1.07
C THR A 43 -0.40 0.77 -2.35
N PHE A 44 -0.81 1.36 -3.50
CA PHE A 44 -0.87 0.60 -4.73
C PHE A 44 0.51 0.14 -5.21
N LYS A 45 1.59 0.75 -4.72
CA LYS A 45 2.90 0.41 -5.24
C LYS A 45 3.30 -1.03 -4.87
N ALA A 46 2.75 -1.58 -3.79
CA ALA A 46 3.04 -2.96 -3.42
C ALA A 46 2.46 -3.94 -4.45
N PRO A 47 1.14 -3.93 -4.70
CA PRO A 47 0.59 -4.73 -5.78
C PRO A 47 1.14 -4.38 -7.17
N LEU A 48 1.61 -3.14 -7.39
CA LEU A 48 2.19 -2.78 -8.69
C LEU A 48 3.47 -3.57 -8.92
N VAL A 49 4.30 -3.64 -7.89
CA VAL A 49 5.52 -4.42 -7.98
C VAL A 49 5.16 -5.89 -8.20
N ALA A 50 4.12 -6.42 -7.51
CA ALA A 50 3.66 -7.77 -7.77
C ALA A 50 3.29 -7.97 -9.25
N ALA A 51 2.61 -6.98 -9.84
CA ALA A 51 2.15 -7.10 -11.22
C ALA A 51 3.36 -7.24 -12.14
N VAL A 52 4.38 -6.43 -11.88
CA VAL A 52 5.61 -6.46 -12.68
C VAL A 52 6.33 -7.80 -12.50
N LEU A 53 6.42 -8.26 -11.24
CA LEU A 53 7.06 -9.54 -10.97
C LEU A 53 6.29 -10.65 -11.69
N HIS A 54 4.96 -10.57 -11.60
CA HIS A 54 4.11 -11.64 -12.09
C HIS A 54 4.30 -11.85 -13.58
N GLN A 55 4.37 -10.77 -14.37
CA GLN A 55 4.23 -10.92 -15.80
C GLN A 55 5.60 -10.93 -16.49
N ASN A 56 6.69 -11.02 -15.73
CA ASN A 56 8.02 -11.07 -16.31
C ASN A 56 8.86 -12.14 -15.65
N PRO A 57 9.84 -12.71 -16.37
CA PRO A 57 10.87 -13.51 -15.70
C PRO A 57 11.71 -12.65 -14.77
N LEU A 58 12.39 -13.28 -13.81
CA LEU A 58 13.17 -12.53 -12.84
C LEU A 58 14.35 -11.80 -13.48
N THR A 59 14.79 -12.24 -14.67
CA THR A 59 15.87 -11.56 -15.37
C THR A 59 15.49 -10.16 -15.78
N HIS A 60 14.19 -9.92 -15.89
CA HIS A 60 13.70 -8.59 -16.19
C HIS A 60 14.06 -7.56 -15.11
N LEU A 61 14.31 -8.00 -13.87
CA LEU A 61 14.73 -7.07 -12.82
C LEU A 61 16.03 -6.36 -13.22
N ASP A 62 16.81 -6.92 -14.14
CA ASP A 62 18.07 -6.28 -14.50
C ASP A 62 17.92 -5.35 -15.68
N LYS A 63 16.74 -5.23 -16.28
CA LYS A 63 16.50 -4.31 -17.39
C LYS A 63 16.73 -2.85 -16.96
N LEU A 64 17.61 -2.14 -17.66
CA LEU A 64 17.90 -0.76 -17.31
C LEU A 64 16.82 0.14 -17.90
N ILE A 65 16.26 0.99 -17.04
CA ILE A 65 15.30 1.98 -17.48
C ILE A 65 15.95 3.35 -17.41
N THR A 66 15.87 4.11 -18.49
CA THR A 66 16.43 5.45 -18.54
C THR A 66 15.29 6.47 -18.60
N TYR A 67 15.56 7.69 -18.12
CA TYR A 67 14.56 8.70 -17.92
C TYR A 67 15.30 10.02 -17.72
N THR A 68 14.58 11.14 -17.74
CA THR A 68 15.18 12.46 -17.64
C THR A 68 14.65 13.19 -16.40
N SER A 69 15.24 14.34 -16.14
CA SER A 69 14.84 15.15 -15.01
C SER A 69 13.39 15.59 -15.18
N ASP A 70 12.90 15.65 -16.42
CA ASP A 70 11.53 16.11 -16.63
C ASP A 70 10.51 15.00 -16.30
N ASP A 71 10.98 13.76 -16.12
CA ASP A 71 10.13 12.67 -15.68
C ASP A 71 9.93 12.69 -14.16
N ILE A 72 10.63 13.57 -13.42
CA ILE A 72 10.40 13.68 -11.98
C ILE A 72 9.18 14.56 -11.73
N ARG A 73 7.98 13.95 -11.61
CA ARG A 73 6.69 14.69 -11.46
C ARG A 73 6.03 14.50 -10.08
N SER A 74 6.71 13.81 -9.16
CA SER A 74 6.19 13.49 -7.85
C SER A 74 7.39 13.23 -6.94
N ILE A 75 7.13 12.97 -5.65
CA ILE A 75 8.21 12.86 -4.69
C ILE A 75 8.96 11.55 -4.94
N SER A 76 10.25 11.68 -5.24
CA SER A 76 11.03 10.61 -5.84
C SER A 76 12.41 10.61 -5.19
N PRO A 77 12.54 10.17 -3.92
CA PRO A 77 13.80 10.33 -3.21
C PRO A 77 14.99 9.63 -3.87
N VAL A 78 14.74 8.51 -4.58
CA VAL A 78 15.80 7.72 -5.21
C VAL A 78 15.97 8.12 -6.68
N ALA A 79 14.88 8.14 -7.46
CA ALA A 79 15.01 8.30 -8.90
C ALA A 79 15.65 9.63 -9.25
N GLN A 80 15.34 10.71 -8.51
CA GLN A 80 15.87 12.02 -8.84
C GLN A 80 17.39 12.10 -8.64
N GLN A 81 18.01 11.13 -7.99
N GLN A 81 17.95 11.09 -7.96
CA GLN A 81 19.46 11.14 -7.88
CA GLN A 81 19.38 10.94 -7.72
C GLN A 81 20.08 10.10 -8.81
C GLN A 81 20.07 10.22 -8.87
N HIS A 82 19.32 9.58 -9.79
CA HIS A 82 19.87 8.62 -10.74
C HIS A 82 19.49 8.92 -12.19
N VAL A 83 19.25 10.19 -12.49
CA VAL A 83 18.81 10.55 -13.86
C VAL A 83 19.92 10.21 -14.85
N GLN A 84 21.17 10.41 -14.48
CA GLN A 84 22.28 10.22 -15.46
C GLN A 84 22.56 8.72 -15.72
N THR A 85 22.31 7.85 -14.75
CA THR A 85 22.65 6.42 -14.90
C THR A 85 21.42 5.57 -15.23
N GLY A 86 20.23 6.08 -14.97
CA GLY A 86 19.07 5.22 -15.06
C GLY A 86 18.98 4.28 -13.86
N MET A 87 17.93 3.44 -13.83
CA MET A 87 17.69 2.50 -12.76
C MET A 87 17.14 1.21 -13.36
N THR A 88 17.57 0.08 -12.83
CA THR A 88 17.00 -1.19 -13.27
C THR A 88 15.58 -1.33 -12.73
N ILE A 89 14.83 -2.25 -13.34
CA ILE A 89 13.50 -2.57 -12.87
C ILE A 89 13.55 -2.98 -11.40
N GLY A 90 14.53 -3.79 -11.01
CA GLY A 90 14.62 -4.19 -9.63
C GLY A 90 14.89 -3.01 -8.68
N GLN A 91 15.78 -2.10 -9.10
CA GLN A 91 16.03 -0.86 -8.35
C GLN A 91 14.78 0.00 -8.25
N LEU A 92 13.98 0.03 -9.32
CA LEU A 92 12.72 0.77 -9.29
C LEU A 92 11.71 0.13 -8.33
N CYS A 93 11.64 -1.20 -8.31
CA CYS A 93 10.75 -1.88 -7.37
C CYS A 93 11.12 -1.54 -5.93
N ASP A 94 12.42 -1.62 -5.65
CA ASP A 94 13.00 -1.32 -4.34
C ASP A 94 12.58 0.10 -3.95
N ALA A 95 12.83 1.08 -4.81
CA ALA A 95 12.52 2.47 -4.52
C ALA A 95 11.02 2.72 -4.30
N ALA A 96 10.19 2.10 -5.13
CA ALA A 96 8.76 2.32 -5.08
C ALA A 96 8.20 1.82 -3.76
N ILE A 97 8.69 0.68 -3.28
CA ILE A 97 8.20 0.16 -2.00
C ILE A 97 8.88 0.87 -0.85
N ARG A 98 10.21 0.90 -0.82
CA ARG A 98 10.91 1.34 0.41
C ARG A 98 10.93 2.86 0.61
N TYR A 99 10.87 3.61 -0.47
CA TYR A 99 10.92 5.09 -0.38
C TYR A 99 9.65 5.72 -0.97
N SER A 100 8.64 4.90 -1.30
CA SER A 100 7.40 5.40 -1.93
C SER A 100 7.75 6.32 -3.10
N ASP A 101 8.79 5.93 -3.86
CA ASP A 101 9.28 6.76 -4.99
C ASP A 101 8.20 6.83 -6.08
N GLY A 102 7.70 8.02 -6.34
CA GLY A 102 6.62 8.19 -7.30
C GLY A 102 7.06 8.04 -8.75
N THR A 103 8.26 8.51 -9.07
CA THR A 103 8.78 8.30 -10.40
C THR A 103 9.00 6.81 -10.66
N ALA A 104 9.58 6.12 -9.66
CA ALA A 104 9.77 4.69 -9.82
C ALA A 104 8.42 4.05 -10.14
N ALA A 105 7.40 4.43 -9.41
CA ALA A 105 6.08 3.84 -9.61
C ALA A 105 5.54 4.11 -11.02
N ASN A 106 5.68 5.35 -11.49
CA ASN A 106 5.24 5.71 -12.83
C ASN A 106 6.01 4.95 -13.90
N LEU A 107 7.30 4.71 -13.65
CA LEU A 107 8.08 3.95 -14.61
C LEU A 107 7.64 2.49 -14.60
N LEU A 108 7.24 1.96 -13.45
CA LEU A 108 6.79 0.57 -13.39
C LEU A 108 5.43 0.44 -14.05
N LEU A 109 4.60 1.47 -13.91
CA LEU A 109 3.30 1.48 -14.57
C LEU A 109 3.54 1.42 -16.07
N ALA A 110 4.47 2.20 -16.57
CA ALA A 110 4.77 2.23 -17.99
C ALA A 110 5.32 0.87 -18.44
N ASP A 111 6.04 0.17 -17.56
CA ASP A 111 6.57 -1.14 -17.86
C ASP A 111 5.45 -2.18 -18.04
N LEU A 112 4.39 -2.08 -17.22
CA LEU A 112 3.19 -2.90 -17.40
C LEU A 112 2.50 -2.61 -18.73
N GLY A 113 2.32 -1.31 -19.00
CA GLY A 113 2.24 -0.78 -20.35
C GLY A 113 0.79 -0.48 -20.69
N GLY A 114 0.53 -0.10 -21.94
CA GLY A 114 -0.83 0.00 -22.46
C GLY A 114 -1.48 1.36 -22.22
N PRO A 115 -2.67 1.61 -22.83
CA PRO A 115 -3.36 2.90 -22.68
C PRO A 115 -3.41 3.36 -21.23
N GLY A 116 -3.09 4.65 -20.99
CA GLY A 116 -3.14 5.27 -19.68
C GLY A 116 -1.82 5.08 -18.91
N GLY A 117 -0.78 4.80 -19.72
CA GLY A 117 0.57 4.60 -19.22
C GLY A 117 0.65 3.56 -18.12
N GLY A 118 -0.21 2.50 -18.17
CA GLY A 118 -0.17 1.41 -17.21
C GLY A 118 -1.28 1.36 -16.16
N THR A 119 -2.08 2.42 -15.99
CA THR A 119 -3.12 2.41 -14.95
C THR A 119 -4.19 1.35 -15.26
N ALA A 120 -4.55 1.19 -16.54
CA ALA A 120 -5.51 0.15 -16.91
C ALA A 120 -4.91 -1.22 -16.65
N ALA A 121 -3.63 -1.41 -17.02
CA ALA A 121 -3.01 -2.72 -16.82
C ALA A 121 -3.01 -3.07 -15.33
N PHE A 122 -2.71 -2.08 -14.49
CA PHE A 122 -2.67 -2.29 -13.06
C PHE A 122 -4.05 -2.68 -12.55
N THR A 123 -5.07 -1.92 -12.92
CA THR A 123 -6.43 -2.28 -12.56
C THR A 123 -6.73 -3.72 -13.02
N GLY A 124 -6.31 -4.10 -14.23
CA GLY A 124 -6.60 -5.46 -14.69
C GLY A 124 -5.89 -6.53 -13.84
N TYR A 125 -4.69 -6.20 -13.36
CA TYR A 125 -3.99 -7.12 -12.48
C TYR A 125 -4.82 -7.34 -11.23
N LEU A 126 -5.36 -6.28 -10.63
CA LEU A 126 -6.19 -6.48 -9.46
C LEU A 126 -7.43 -7.32 -9.77
N ARG A 127 -8.05 -7.09 -10.92
CA ARG A 127 -9.17 -7.93 -11.37
C ARG A 127 -8.78 -9.42 -11.41
N SER A 128 -7.56 -9.73 -11.85
CA SER A 128 -7.07 -11.10 -11.93
C SER A 128 -6.92 -11.74 -10.55
N LEU A 129 -6.87 -10.93 -9.48
CA LEU A 129 -6.74 -11.41 -8.11
C LEU A 129 -8.09 -11.47 -7.40
N GLY A 130 -9.20 -11.20 -8.11
CA GLY A 130 -10.53 -11.32 -7.55
C GLY A 130 -11.05 -10.00 -6.98
N ASP A 131 -10.31 -8.90 -7.20
CA ASP A 131 -10.66 -7.58 -6.72
C ASP A 131 -11.50 -6.87 -7.78
N THR A 132 -12.81 -6.82 -7.54
CA THR A 132 -13.75 -6.27 -8.49
C THR A 132 -14.03 -4.79 -8.24
N VAL A 133 -13.55 -4.21 -7.12
CA VAL A 133 -13.96 -2.87 -6.75
C VAL A 133 -12.84 -1.85 -6.97
N SER A 134 -11.57 -2.24 -6.80
CA SER A 134 -10.48 -1.27 -6.81
C SER A 134 -10.23 -0.75 -8.22
N ARG A 135 -9.69 0.47 -8.34
CA ARG A 135 -9.42 1.05 -9.63
C ARG A 135 -8.35 2.10 -9.49
N LEU A 136 -7.43 2.10 -10.44
CA LEU A 136 -6.44 3.14 -10.57
C LEU A 136 -6.68 3.84 -11.89
N ASP A 137 -6.80 5.17 -11.81
CA ASP A 137 -7.17 6.02 -12.92
C ASP A 137 -6.06 7.00 -13.28
N ALA A 138 -5.20 7.36 -12.35
CA ALA A 138 -4.22 8.39 -12.60
C ALA A 138 -2.87 7.82 -12.16
N GLU A 139 -1.78 8.47 -12.59
CA GLU A 139 -0.45 8.12 -12.11
C GLU A 139 -0.04 9.13 -11.02
N GLU A 140 1.17 8.99 -10.51
CA GLU A 140 1.64 9.86 -9.44
C GLU A 140 1.94 11.22 -10.06
N PRO A 141 1.66 12.36 -9.39
CA PRO A 141 1.02 12.43 -8.07
C PRO A 141 -0.50 12.64 -8.06
N GLU A 142 -1.12 12.65 -9.24
CA GLU A 142 -2.55 12.95 -9.33
C GLU A 142 -3.41 11.92 -8.60
N LEU A 143 -2.96 10.66 -8.51
CA LEU A 143 -3.80 9.67 -7.86
C LEU A 143 -4.03 9.95 -6.37
N ASN A 144 -3.27 10.86 -5.75
CA ASN A 144 -3.40 11.21 -4.32
C ASN A 144 -4.41 12.33 -4.04
N ARG A 145 -5.00 12.91 -5.10
CA ARG A 145 -5.59 14.23 -5.02
C ARG A 145 -7.06 14.26 -5.38
N ASP A 146 -7.67 13.09 -5.60
CA ASP A 146 -9.07 13.07 -6.00
C ASP A 146 -9.90 13.57 -4.83
N PRO A 147 -11.02 14.29 -5.07
CA PRO A 147 -11.87 14.76 -3.97
C PRO A 147 -12.62 13.59 -3.31
N PRO A 148 -13.08 13.77 -2.06
CA PRO A 148 -13.90 12.76 -1.38
C PRO A 148 -15.12 12.41 -2.21
N GLY A 149 -15.49 11.14 -2.22
CA GLY A 149 -16.63 10.64 -2.97
C GLY A 149 -16.29 10.18 -4.39
N ASP A 150 -15.18 10.70 -4.96
CA ASP A 150 -14.73 10.31 -6.28
C ASP A 150 -14.21 8.89 -6.17
N GLU A 151 -14.68 7.98 -7.03
CA GLU A 151 -14.29 6.58 -6.96
C GLU A 151 -12.94 6.34 -7.63
N ARG A 152 -12.45 7.32 -8.35
CA ARG A 152 -11.18 7.13 -9.01
C ARG A 152 -10.09 6.92 -7.98
N ASP A 153 -9.17 5.99 -8.28
CA ASP A 153 -8.01 5.74 -7.43
C ASP A 153 -8.43 5.30 -6.03
N THR A 154 -9.46 4.44 -5.93
CA THR A 154 -9.89 3.96 -4.62
C THR A 154 -9.80 2.44 -4.54
N THR A 155 -9.76 1.94 -3.31
CA THR A 155 -9.91 0.55 -2.96
C THR A 155 -10.77 0.54 -1.70
N THR A 156 -10.94 -0.63 -1.11
CA THR A 156 -11.53 -0.73 0.21
C THR A 156 -10.56 -1.49 1.09
N PRO A 157 -10.61 -1.35 2.44
CA PRO A 157 -9.76 -2.11 3.35
C PRO A 157 -9.87 -3.61 3.10
N HIS A 158 -11.11 -4.08 2.91
CA HIS A 158 -11.36 -5.49 2.60
C HIS A 158 -10.65 -5.92 1.30
N ALA A 159 -10.81 -5.15 0.23
CA ALA A 159 -10.27 -5.57 -1.04
C ALA A 159 -8.74 -5.59 -0.99
N ILE A 160 -8.12 -4.52 -0.46
CA ILE A 160 -6.67 -4.44 -0.48
CA ILE A 160 -6.68 -4.42 -0.48
C ILE A 160 -6.07 -5.47 0.46
N ALA A 161 -6.73 -5.73 1.60
CA ALA A 161 -6.20 -6.73 2.51
C ALA A 161 -6.18 -8.11 1.85
N LEU A 162 -7.24 -8.42 1.09
CA LEU A 162 -7.35 -9.72 0.45
C LEU A 162 -6.35 -9.79 -0.69
N VAL A 163 -6.05 -8.66 -1.37
CA VAL A 163 -4.96 -8.65 -2.34
C VAL A 163 -3.64 -8.99 -1.66
N LEU A 164 -3.35 -8.30 -0.55
CA LEU A 164 -2.05 -8.45 0.06
C LEU A 164 -1.90 -9.87 0.60
N GLN A 165 -2.99 -10.43 1.13
CA GLN A 165 -3.04 -11.79 1.63
C GLN A 165 -2.60 -12.76 0.53
N GLN A 166 -3.20 -12.65 -0.63
CA GLN A 166 -2.85 -13.51 -1.76
C GLN A 166 -1.41 -13.32 -2.23
N LEU A 167 -0.91 -12.09 -2.17
CA LEU A 167 0.41 -11.80 -2.71
C LEU A 167 1.52 -12.28 -1.78
N VAL A 168 1.35 -12.03 -0.48
CA VAL A 168 2.41 -12.31 0.47
C VAL A 168 2.24 -13.70 1.09
N LEU A 169 1.00 -14.12 1.33
CA LEU A 169 0.79 -15.34 2.09
C LEU A 169 0.20 -16.45 1.21
N GLY A 170 -0.51 -16.08 0.15
CA GLY A 170 -1.12 -17.00 -0.79
C GLY A 170 -0.19 -17.32 -1.97
N ASN A 171 -0.78 -17.72 -3.08
CA ASN A 171 -0.04 -18.28 -4.20
C ASN A 171 -0.23 -17.45 -5.47
N ALA A 172 -0.57 -16.16 -5.32
CA ALA A 172 -0.63 -15.26 -6.47
C ALA A 172 0.72 -15.17 -7.18
N LEU A 173 1.82 -15.23 -6.42
CA LEU A 173 3.15 -15.17 -7.00
C LEU A 173 3.84 -16.48 -6.71
N PRO A 174 4.75 -16.95 -7.57
CA PRO A 174 5.62 -18.07 -7.21
C PRO A 174 6.51 -17.72 -6.02
N PRO A 175 6.87 -18.70 -5.16
CA PRO A 175 7.57 -18.38 -3.93
C PRO A 175 8.83 -17.52 -4.04
N ASP A 176 9.52 -17.58 -5.17
CA ASP A 176 10.73 -16.80 -5.35
C ASP A 176 10.36 -15.33 -5.57
N LYS A 177 9.36 -15.06 -6.39
CA LYS A 177 8.94 -13.68 -6.57
C LYS A 177 8.28 -13.13 -5.31
N ARG A 178 7.52 -14.00 -4.63
CA ARG A 178 6.86 -13.68 -3.39
C ARG A 178 7.88 -13.19 -2.37
N ALA A 179 9.01 -13.91 -2.27
CA ALA A 179 10.09 -13.57 -1.36
C ALA A 179 10.59 -12.16 -1.64
N LEU A 180 10.73 -11.77 -2.91
CA LEU A 180 11.30 -10.46 -3.27
C LEU A 180 10.37 -9.35 -2.80
N LEU A 181 9.07 -9.52 -3.07
CA LEU A 181 8.08 -8.55 -2.63
C LEU A 181 8.13 -8.40 -1.11
N THR A 182 8.20 -9.53 -0.41
CA THR A 182 8.17 -9.57 1.04
C THR A 182 9.40 -8.87 1.61
N ASP A 183 10.56 -9.12 1.04
CA ASP A 183 11.78 -8.50 1.49
C ASP A 183 11.75 -6.98 1.30
N TRP A 184 11.22 -6.50 0.16
CA TRP A 184 11.15 -5.06 -0.03
C TRP A 184 10.24 -4.41 1.01
N MET A 185 9.06 -5.00 1.23
CA MET A 185 8.14 -4.50 2.24
C MET A 185 8.77 -4.61 3.63
N ALA A 186 9.63 -5.60 3.89
CA ALA A 186 10.24 -5.80 5.21
C ALA A 186 11.23 -4.69 5.52
N ARG A 187 11.77 -4.05 4.48
CA ARG A 187 12.81 -3.07 4.63
C ARG A 187 12.30 -1.69 4.22
N ASN A 188 10.97 -1.53 4.27
CA ASN A 188 10.36 -0.25 4.02
C ASN A 188 10.92 0.78 5.01
N THR A 189 11.20 2.02 4.55
CA THR A 189 11.72 3.07 5.42
C THR A 189 10.69 4.10 5.85
N THR A 190 9.46 4.00 5.36
CA THR A 190 8.47 5.05 5.53
C THR A 190 7.43 4.75 6.60
N GLY A 191 7.47 3.57 7.24
CA GLY A 191 6.29 3.06 7.96
C GLY A 191 6.46 2.96 9.48
N ALA A 192 7.52 3.57 10.03
CA ALA A 192 7.87 3.30 11.44
C ALA A 192 6.83 3.87 12.41
N LYS A 193 6.07 4.92 12.01
CA LYS A 193 5.10 5.50 12.93
C LYS A 193 3.66 5.05 12.70
N ARG A 194 3.43 4.01 11.89
CA ARG A 194 2.08 3.59 11.54
C ARG A 194 1.84 2.22 12.15
N ILE A 195 1.54 1.16 11.37
CA ILE A 195 1.19 -0.14 11.96
C ILE A 195 2.32 -0.66 12.86
N ARG A 196 3.57 -0.48 12.43
CA ARG A 196 4.76 -0.87 13.19
C ARG A 196 4.69 -0.31 14.61
N ALA A 197 4.23 0.95 14.74
CA ALA A 197 4.20 1.63 16.02
C ALA A 197 3.15 1.04 16.96
N GLY A 198 2.22 0.25 16.41
CA GLY A 198 1.12 -0.34 17.17
C GLY A 198 1.35 -1.78 17.61
N PHE A 199 2.41 -2.42 17.13
CA PHE A 199 2.66 -3.81 17.46
C PHE A 199 3.94 -3.92 18.27
N PRO A 200 3.99 -4.82 19.28
CA PRO A 200 5.18 -5.00 20.09
C PRO A 200 6.38 -5.39 19.25
N ALA A 201 7.58 -5.04 19.74
CA ALA A 201 8.81 -5.16 19.00
C ALA A 201 9.15 -6.60 18.64
N ASP A 202 8.56 -7.59 19.28
CA ASP A 202 8.83 -8.98 18.99
C ASP A 202 7.85 -9.52 17.95
N TRP A 203 6.97 -8.65 17.43
CA TRP A 203 6.26 -8.95 16.20
C TRP A 203 7.05 -8.43 15.01
N LYS A 204 7.11 -9.22 13.96
CA LYS A 204 7.69 -8.76 12.72
C LYS A 204 6.61 -8.02 11.93
N VAL A 205 6.96 -6.88 11.34
CA VAL A 205 6.04 -6.12 10.51
C VAL A 205 6.71 -5.81 9.17
N ILE A 206 5.97 -6.02 8.08
CA ILE A 206 6.36 -5.53 6.76
C ILE A 206 5.19 -4.69 6.27
N ASP A 207 5.45 -3.60 5.54
CA ASP A 207 4.34 -2.72 5.21
C ASP A 207 4.60 -1.89 3.95
N LYS A 208 3.52 -1.25 3.49
CA LYS A 208 3.59 -0.21 2.49
C LYS A 208 2.63 0.91 2.93
N THR A 209 3.16 2.14 2.99
CA THR A 209 2.39 3.29 3.42
C THR A 209 1.76 3.99 2.22
N GLY A 210 0.77 4.84 2.52
CA GLY A 210 0.28 5.84 1.59
C GLY A 210 -0.18 7.09 2.34
N THR A 211 0.02 8.24 1.70
CA THR A 211 -0.35 9.53 2.24
C THR A 211 -0.83 10.39 1.09
N GLY A 212 -1.82 11.24 1.32
CA GLY A 212 -2.33 12.06 0.25
C GLY A 212 -3.11 13.25 0.77
N ASP A 213 -3.88 13.86 -0.13
CA ASP A 213 -4.68 15.01 0.22
C ASP A 213 -5.83 14.59 1.13
N TYR A 214 -6.54 15.57 1.68
CA TYR A 214 -7.72 15.32 2.49
C TYR A 214 -7.32 14.47 3.70
N GLY A 215 -6.10 14.69 4.20
CA GLY A 215 -5.61 14.04 5.41
C GLY A 215 -5.52 12.52 5.28
N ARG A 216 -5.28 12.03 4.07
CA ARG A 216 -5.24 10.61 3.79
C ARG A 216 -3.94 9.99 4.33
N ALA A 217 -4.10 8.92 5.10
CA ALA A 217 -2.96 8.19 5.61
C ALA A 217 -3.36 6.72 5.70
N ASN A 218 -2.62 5.88 4.97
CA ASN A 218 -2.90 4.45 4.93
C ASN A 218 -1.65 3.67 5.31
N ASP A 219 -1.86 2.40 5.65
CA ASP A 219 -0.76 1.45 5.81
C ASP A 219 -1.34 0.06 5.60
N ILE A 220 -0.71 -0.73 4.75
CA ILE A 220 -1.05 -2.14 4.60
C ILE A 220 0.16 -2.95 5.01
N ALA A 221 -0.06 -3.96 5.83
CA ALA A 221 1.05 -4.69 6.43
C ALA A 221 0.73 -6.17 6.47
N VAL A 222 1.81 -6.96 6.56
CA VAL A 222 1.69 -8.31 7.07
C VAL A 222 2.52 -8.33 8.33
N VAL A 223 1.94 -8.90 9.40
CA VAL A 223 2.65 -9.02 10.67
C VAL A 223 2.78 -10.50 11.04
N TRP A 224 3.91 -10.84 11.69
CA TRP A 224 4.12 -12.17 12.23
C TRP A 224 4.25 -12.08 13.74
N SER A 225 3.48 -12.92 14.43
CA SER A 225 3.53 -13.05 15.87
C SER A 225 4.91 -13.57 16.28
N PRO A 226 5.31 -13.43 17.56
CA PRO A 226 6.55 -14.02 18.05
C PRO A 226 6.66 -15.53 17.82
N THR A 227 5.52 -16.22 17.65
CA THR A 227 5.52 -17.64 17.36
C THR A 227 5.37 -17.92 15.86
N GLY A 228 5.51 -16.87 15.05
CA GLY A 228 5.58 -17.01 13.60
C GLY A 228 4.22 -17.09 12.92
N VAL A 229 3.14 -16.70 13.59
CA VAL A 229 1.83 -16.73 12.95
C VAL A 229 1.57 -15.42 12.21
N PRO A 230 1.26 -15.44 10.90
CA PRO A 230 1.07 -14.21 10.14
C PRO A 230 -0.36 -13.72 10.05
N TYR A 231 -0.51 -12.40 9.95
CA TYR A 231 -1.81 -11.80 9.73
C TYR A 231 -1.64 -10.60 8.81
N VAL A 232 -2.66 -10.37 8.00
CA VAL A 232 -2.69 -9.20 7.14
C VAL A 232 -3.46 -8.10 7.87
N VAL A 233 -2.90 -6.88 7.89
CA VAL A 233 -3.52 -5.74 8.54
C VAL A 233 -3.60 -4.56 7.56
N ALA A 234 -4.82 -4.16 7.18
CA ALA A 234 -4.99 -2.98 6.33
C ALA A 234 -5.69 -1.92 7.15
N VAL A 235 -5.04 -0.76 7.25
CA VAL A 235 -5.61 0.41 7.90
C VAL A 235 -5.57 1.61 6.96
N MET A 236 -6.73 2.23 6.75
CA MET A 236 -6.86 3.38 5.87
C MET A 236 -7.56 4.49 6.65
N SER A 237 -7.19 5.71 6.33
CA SER A 237 -7.80 6.85 7.03
C SER A 237 -7.90 8.08 6.14
N ASP A 238 -8.84 8.94 6.48
CA ASP A 238 -8.87 10.27 5.83
C ASP A 238 -9.50 11.27 6.82
N ARG A 239 -9.25 12.55 6.60
CA ARG A 239 -9.80 13.64 7.44
C ARG A 239 -10.42 14.63 6.45
N ALA A 240 -11.25 14.12 5.55
CA ALA A 240 -11.84 14.93 4.46
C ALA A 240 -12.60 16.15 4.96
N GLY A 241 -13.23 16.04 6.13
CA GLY A 241 -13.93 17.18 6.73
C GLY A 241 -13.05 18.41 6.88
N GLY A 242 -11.73 18.21 6.95
CA GLY A 242 -10.84 19.35 7.15
C GLY A 242 -10.32 19.99 5.86
N GLY A 243 -10.77 19.51 4.69
CA GLY A 243 -10.36 20.08 3.41
C GLY A 243 -9.17 19.36 2.81
N TYR A 244 -8.75 19.77 1.61
CA TYR A 244 -7.71 19.07 0.86
C TYR A 244 -6.39 19.10 1.61
N ASP A 245 -6.16 20.12 2.45
CA ASP A 245 -4.89 20.29 3.13
C ASP A 245 -4.95 19.87 4.61
N ALA A 246 -5.97 19.09 4.99
CA ALA A 246 -6.05 18.52 6.33
C ALA A 246 -4.81 17.67 6.61
N GLU A 247 -4.34 17.71 7.87
CA GLU A 247 -3.10 17.06 8.23
C GLU A 247 -3.37 15.55 8.30
N PRO A 248 -2.64 14.70 7.56
CA PRO A 248 -2.73 13.25 7.76
C PRO A 248 -2.16 12.90 9.14
N ARG A 249 -2.74 11.89 9.80
CA ARG A 249 -2.34 11.55 11.15
C ARG A 249 -1.84 10.12 11.22
N GLU A 250 -0.51 9.98 11.23
CA GLU A 250 0.10 8.68 11.39
C GLU A 250 -0.27 8.03 12.71
N ALA A 251 -0.40 8.85 13.76
CA ALA A 251 -0.71 8.32 15.08
C ALA A 251 -2.07 7.58 15.11
N LEU A 252 -3.01 8.02 14.27
CA LEU A 252 -4.30 7.35 14.15
C LEU A 252 -4.09 5.90 13.73
N LEU A 253 -3.18 5.67 12.79
CA LEU A 253 -2.92 4.33 12.29
C LEU A 253 -2.23 3.53 13.38
N ALA A 254 -1.33 4.18 14.09
CA ALA A 254 -0.61 3.49 15.13
C ALA A 254 -1.57 3.00 16.22
N GLU A 255 -2.54 3.86 16.59
CA GLU A 255 -3.49 3.50 17.64
C GLU A 255 -4.49 2.47 17.15
N ALA A 256 -4.93 2.55 15.89
CA ALA A 256 -5.78 1.51 15.31
C ALA A 256 -5.04 0.18 15.35
N ALA A 257 -3.75 0.23 15.02
CA ALA A 257 -2.92 -0.97 15.04
C ALA A 257 -2.80 -1.53 16.46
N THR A 258 -2.64 -0.68 17.49
CA THR A 258 -2.64 -1.12 18.87
C THR A 258 -3.93 -1.85 19.22
N CYS A 259 -5.12 -1.31 18.86
CA CYS A 259 -6.37 -2.01 19.07
C CYS A 259 -6.34 -3.41 18.46
N VAL A 260 -5.83 -3.53 17.23
CA VAL A 260 -5.77 -4.80 16.52
C VAL A 260 -4.80 -5.72 17.24
N ALA A 261 -3.62 -5.22 17.60
CA ALA A 261 -2.68 -6.06 18.33
C ALA A 261 -3.29 -6.56 19.64
N GLY A 262 -4.18 -5.78 20.26
CA GLY A 262 -4.83 -6.20 21.49
C GLY A 262 -5.70 -7.44 21.26
N VAL A 263 -6.31 -7.50 20.08
CA VAL A 263 -7.15 -8.63 19.71
C VAL A 263 -6.29 -9.83 19.34
N LEU A 264 -5.17 -9.63 18.64
CA LEU A 264 -4.43 -10.73 18.03
C LEU A 264 -3.39 -11.32 18.98
N ALA A 265 -3.02 -10.62 20.04
CA ALA A 265 -2.17 -11.23 21.04
C ALA A 265 -2.94 -12.34 21.77
C1 GOL B . 9.71 -2.38 9.13
O1 GOL B . 10.45 -1.82 8.05
C2 GOL B . 8.24 -2.04 8.97
O2 GOL B . 7.82 -2.38 7.65
C3 GOL B . 7.89 -0.59 9.25
O3 GOL B . 8.86 0.09 10.05
#